data_6EN2
#
_entry.id   6EN2
#
_cell.length_a   79.928
_cell.length_b   132.725
_cell.length_c   125.033
_cell.angle_alpha   90.000
_cell.angle_beta   90.100
_cell.angle_gamma   90.000
#
_symmetry.space_group_name_H-M   'C 1 2 1'
#
loop_
_entity.id
_entity.type
_entity.pdbx_description
1 polymer 'Int protein'
2 polymer 'DNA (45-MER)'
3 polymer 'DNA (45-MER)'
4 non-polymer DI(HYDROXYETHYL)ETHER
5 water water
#
loop_
_entity_poly.entity_id
_entity_poly.type
_entity_poly.pdbx_seq_one_letter_code
_entity_poly.pdbx_strand_id
1 'polypeptide(L)'
;SMTVCQLYAKQIRHRGNVKHNTKLGRERLMRILEQDRLGSCPIDSVKLSDAKEWALRMKEKGLSYKTINNDKRSLKAAFY
TAIQDDCIRKNPFDFQLSDVLDDDTEPKVPLTPAQEESFLSFIQGDKVYQKHYDAIVILLGTGLKISELCGLTDKDLDFE
NRVIIVSHQLLRNTGVGYYIDEPKTQSGVRKIPMNEEVYQAFQRVIKNRKGAKPFIIDGYANFLFLKQNGYPMTAVDYGG
MFGRLVKKYNKSHEEALPKTTTPHAMRHTFCTRLANAGMNPKALQYIMGHSNITMTLNYYAHATFDSARAEMERLAA
;
A,B
2 'polydeoxyribonucleotide'
;(DT)(DG)(DC)(DG)(DA)(DT)(DA)(DA)(DC)(DC)(DT)(DA)(DA)(DA)(DA)(DT)(DT)(DT)(DT)(DC)
(DC)(DC)(DT)(DT)(DT)(DA)(DA)(DA)(DA)(DT)(DT)(DA)(DT)(DA)(DT)(DG)(DG)(DG)(DA)(DT)
(DT)(DT)(DT)(DA)(DG)
;
C
3 'polydeoxyribonucleotide'
;(DC)(DT)(DA)(DA)(DA)(DA)(DT)(DC)(DC)(DC)(DA)(DT)(DA)(DT)(DA)(DA)(DT)(DT)(DT)(DT)
(DA)(DA)(DA)(DG)(DG)(DG)(DA)(DA)(DA)(DA)(DT)(DT)(DT)(DT)(DA)(DG)(DG)(DT)(DT)(DA)
(DT)(DC)(DG)(DC)(DT)
;
D
#
# COMPACT_ATOMS: atom_id res chain seq x y z
N SER A 1 28.15 3.82 26.02
CA SER A 1 27.56 3.53 24.72
C SER A 1 28.52 3.88 23.59
N MET A 2 29.82 3.88 23.89
CA MET A 2 30.80 4.23 22.87
C MET A 2 30.90 3.17 21.79
N THR A 3 31.01 1.91 22.19
CA THR A 3 31.11 0.83 21.20
C THR A 3 29.73 0.50 20.63
N VAL A 4 29.74 -0.05 19.42
CA VAL A 4 28.48 -0.42 18.77
C VAL A 4 27.72 -1.43 19.62
N CYS A 5 28.43 -2.37 20.24
CA CYS A 5 27.76 -3.32 21.11
C CYS A 5 27.08 -2.61 22.28
N GLN A 6 27.76 -1.65 22.88
CA GLN A 6 27.15 -0.88 23.97
C GLN A 6 25.95 -0.09 23.47
N LEU A 7 26.06 0.50 22.27
CA LEU A 7 24.94 1.24 21.70
C LEU A 7 23.74 0.32 21.46
N TYR A 8 23.99 -0.86 20.87
CA TYR A 8 22.88 -1.77 20.60
C TYR A 8 22.28 -2.30 21.90
N ALA A 9 23.12 -2.62 22.89
CA ALA A 9 22.60 -3.03 24.18
C ALA A 9 21.69 -1.98 24.79
N LYS A 10 21.99 -0.70 24.57
CA LYS A 10 21.14 0.37 25.10
C LYS A 10 19.83 0.46 24.31
N GLN A 11 19.90 0.32 22.99
CA GLN A 11 18.68 0.34 22.19
C GLN A 11 17.73 -0.78 22.59
N ILE A 12 18.26 -1.93 22.98
CA ILE A 12 17.42 -3.05 23.39
C ILE A 12 16.81 -2.78 24.75
N ARG A 13 17.60 -2.28 25.70
CA ARG A 13 17.06 -1.93 27.00
C ARG A 13 16.05 -0.79 26.90
N HIS A 14 16.32 0.16 26.00
CA HIS A 14 15.39 1.27 25.79
C HIS A 14 14.01 0.75 25.35
N ARG A 15 13.98 0.02 24.23
CA ARG A 15 12.74 -0.51 23.67
C ARG A 15 12.62 -1.97 24.12
N GLY A 16 12.16 -2.14 25.36
CA GLY A 16 12.21 -3.44 26.02
C GLY A 16 10.95 -4.27 25.99
N ASN A 17 9.80 -3.67 25.70
CA ASN A 17 8.53 -4.39 25.67
C ASN A 17 8.45 -5.19 24.37
N VAL A 18 9.02 -6.40 24.39
CA VAL A 18 9.01 -7.27 23.22
C VAL A 18 8.64 -8.69 23.64
N LYS A 19 8.27 -9.50 22.65
CA LYS A 19 7.90 -10.89 22.88
C LYS A 19 9.14 -11.77 22.87
N HIS A 20 8.97 -13.01 23.34
CA HIS A 20 10.12 -13.89 23.55
C HIS A 20 10.96 -14.03 22.28
N ASN A 21 10.32 -14.37 21.16
CA ASN A 21 11.07 -14.55 19.91
C ASN A 21 11.92 -13.33 19.61
N THR A 22 11.38 -12.13 19.83
CA THR A 22 12.16 -10.91 19.62
C THR A 22 13.41 -10.90 20.48
N LYS A 23 13.29 -11.28 21.76
CA LYS A 23 14.45 -11.37 22.64
C LYS A 23 15.51 -12.27 22.04
N LEU A 24 15.11 -13.45 21.55
CA LEU A 24 16.08 -14.33 20.91
C LEU A 24 16.74 -13.65 19.71
N GLY A 25 15.92 -13.03 18.85
CA GLY A 25 16.48 -12.40 17.67
C GLY A 25 17.50 -11.33 18.00
N ARG A 26 17.13 -10.41 18.89
CA ARG A 26 18.09 -9.42 19.38
C ARG A 26 19.36 -10.08 19.89
N GLU A 27 19.22 -11.19 20.61
CA GLU A 27 20.39 -11.88 21.15
C GLU A 27 21.26 -12.42 20.03
N ARG A 28 20.64 -12.90 18.94
CA ARG A 28 21.41 -13.36 17.80
C ARG A 28 22.25 -12.23 17.21
N LEU A 29 21.62 -11.09 16.93
CA LEU A 29 22.37 -9.96 16.39
C LEU A 29 23.47 -9.52 17.35
N MET A 30 23.19 -9.55 18.66
CA MET A 30 24.18 -9.16 19.64
C MET A 30 25.44 -10.03 19.53
N ARG A 31 25.27 -11.34 19.40
CA ARG A 31 26.42 -12.22 19.25
C ARG A 31 27.22 -11.89 18.00
N ILE A 32 26.54 -11.47 16.93
CA ILE A 32 27.24 -11.10 15.71
C ILE A 32 28.14 -9.89 15.95
N LEU A 33 27.58 -8.85 16.56
CA LEU A 33 28.37 -7.65 16.85
C LEU A 33 29.57 -7.98 17.73
N GLU A 34 29.38 -8.87 18.71
CA GLU A 34 30.48 -9.24 19.59
C GLU A 34 31.58 -9.98 18.84
N GLN A 35 31.25 -10.73 17.80
CA GLN A 35 32.24 -11.49 17.04
C GLN A 35 32.75 -10.74 15.81
N ASP A 36 32.15 -9.60 15.46
CA ASP A 36 32.56 -8.83 14.30
C ASP A 36 33.34 -7.60 14.75
N ARG A 37 34.33 -7.21 13.94
CA ARG A 37 35.18 -6.07 14.29
C ARG A 37 34.36 -4.81 14.55
N LEU A 38 33.20 -4.68 13.90
CA LEU A 38 32.40 -3.46 14.06
C LEU A 38 31.92 -3.27 15.48
N GLY A 39 31.69 -4.37 16.21
CA GLY A 39 31.10 -4.27 17.53
C GLY A 39 31.91 -3.45 18.50
N SER A 40 33.24 -3.50 18.39
CA SER A 40 34.13 -2.84 19.35
C SER A 40 34.51 -1.43 18.92
N CYS A 41 33.88 -0.88 17.88
CA CYS A 41 34.28 0.44 17.43
C CYS A 41 33.49 1.53 18.14
N PRO A 42 34.13 2.66 18.42
CA PRO A 42 33.38 3.83 18.92
C PRO A 42 32.39 4.30 17.86
N ILE A 43 31.16 4.58 18.30
CA ILE A 43 30.09 4.89 17.35
C ILE A 43 30.39 6.18 16.60
N ASP A 44 31.07 7.13 17.23
CA ASP A 44 31.44 8.38 16.59
C ASP A 44 32.61 8.23 15.62
N SER A 45 33.03 6.99 15.33
CA SER A 45 34.11 6.74 14.38
C SER A 45 33.67 5.75 13.30
N VAL A 46 32.37 5.58 13.11
CA VAL A 46 31.82 4.64 12.14
C VAL A 46 31.36 5.43 10.93
N LYS A 47 32.10 5.31 9.83
CA LYS A 47 31.75 6.01 8.59
C LYS A 47 30.84 5.14 7.73
N LEU A 48 30.33 5.77 6.66
CA LEU A 48 29.47 5.03 5.73
C LEU A 48 30.21 3.86 5.11
N SER A 49 31.54 3.93 5.03
CA SER A 49 32.33 2.81 4.51
C SER A 49 32.36 1.66 5.51
N ASP A 50 32.55 1.97 6.80
CA ASP A 50 32.56 0.92 7.81
C ASP A 50 31.28 0.10 7.76
N ALA A 51 30.14 0.75 7.56
CA ALA A 51 28.86 0.04 7.55
C ALA A 51 28.77 -0.91 6.36
N LYS A 52 29.06 -0.42 5.17
CA LYS A 52 29.00 -1.27 3.98
C LYS A 52 29.98 -2.43 4.09
N GLU A 53 31.21 -2.15 4.55
CA GLU A 53 32.18 -3.22 4.73
C GLU A 53 31.68 -4.27 5.72
N TRP A 54 30.84 -3.86 6.68
CA TRP A 54 30.23 -4.83 7.58
C TRP A 54 29.24 -5.71 6.83
N ALA A 55 28.40 -5.12 5.98
CA ALA A 55 27.48 -5.93 5.18
C ALA A 55 28.23 -6.95 4.35
N LEU A 56 29.38 -6.57 3.80
CA LEU A 56 30.18 -7.51 3.02
C LEU A 56 30.62 -8.70 3.87
N ARG A 57 31.10 -8.44 5.08
CA ARG A 57 31.55 -9.53 5.93
C ARG A 57 30.40 -10.47 6.29
N MET A 58 29.23 -9.89 6.59
CA MET A 58 28.07 -10.73 6.89
C MET A 58 27.75 -11.67 5.73
N LYS A 59 27.75 -11.15 4.50
CA LYS A 59 27.51 -12.00 3.35
C LYS A 59 28.61 -13.03 3.19
N GLU A 60 29.87 -12.62 3.35
CA GLU A 60 30.98 -13.56 3.25
C GLU A 60 30.88 -14.64 4.32
N LYS A 61 30.32 -14.28 5.49
CA LYS A 61 30.13 -15.25 6.56
C LYS A 61 29.09 -16.30 6.20
N GLY A 62 28.20 -16.02 5.26
CA GLY A 62 27.15 -16.94 4.86
C GLY A 62 25.75 -16.44 5.10
N LEU A 63 25.55 -15.40 5.90
CA LEU A 63 24.21 -14.92 6.20
C LEU A 63 23.49 -14.53 4.92
N SER A 64 22.18 -14.80 4.89
CA SER A 64 21.37 -14.50 3.72
C SER A 64 21.25 -12.99 3.53
N TYR A 65 20.72 -12.61 2.36
CA TYR A 65 20.51 -11.20 2.06
C TYR A 65 19.45 -10.59 2.97
N LYS A 66 18.31 -11.26 3.13
CA LYS A 66 17.27 -10.73 4.00
C LYS A 66 17.77 -10.61 5.43
N THR A 67 18.51 -11.61 5.91
CA THR A 67 19.02 -11.55 7.28
C THR A 67 19.85 -10.30 7.50
N ILE A 68 20.64 -9.90 6.50
CA ILE A 68 21.51 -8.75 6.66
C ILE A 68 20.69 -7.46 6.60
N ASN A 69 19.70 -7.41 5.71
CA ASN A 69 18.90 -6.20 5.57
C ASN A 69 18.10 -5.91 6.85
N ASN A 70 17.61 -6.96 7.50
CA ASN A 70 16.91 -6.77 8.77
C ASN A 70 17.88 -6.30 9.85
N ASP A 71 19.06 -6.93 9.94
CA ASP A 71 20.05 -6.50 10.92
C ASP A 71 20.51 -5.07 10.66
N LYS A 72 20.60 -4.66 9.40
CA LYS A 72 20.90 -3.27 9.09
C LYS A 72 19.82 -2.36 9.64
N ARG A 73 18.55 -2.76 9.52
CA ARG A 73 17.46 -1.94 10.04
C ARG A 73 17.56 -1.80 11.55
N SER A 74 17.95 -2.87 12.23
CA SER A 74 18.12 -2.80 13.69
C SER A 74 19.25 -1.85 14.05
N LEU A 75 20.39 -1.95 13.35
CA LEU A 75 21.50 -1.06 13.63
C LEU A 75 21.19 0.37 13.23
N LYS A 76 20.48 0.55 12.12
CA LYS A 76 20.10 1.90 11.71
C LYS A 76 19.22 2.57 12.76
N ALA A 77 18.30 1.81 13.36
CA ALA A 77 17.45 2.36 14.41
C ALA A 77 18.28 2.75 15.63
N ALA A 78 19.24 1.91 16.00
CA ALA A 78 20.10 2.23 17.14
C ALA A 78 20.89 3.50 16.88
N PHE A 79 21.39 3.68 15.66
CA PHE A 79 22.14 4.89 15.33
C PHE A 79 21.26 6.11 15.15
N TYR A 80 19.95 5.93 14.96
CA TYR A 80 19.05 7.07 14.99
C TYR A 80 18.67 7.46 16.41
N THR A 81 18.86 6.58 17.38
CA THR A 81 18.74 6.96 18.78
C THR A 81 19.98 7.71 19.25
N ALA A 82 21.16 7.23 18.87
CA ALA A 82 22.39 7.95 19.21
C ALA A 82 22.40 9.35 18.62
N ILE A 83 21.79 9.54 17.45
CA ILE A 83 21.72 10.87 16.86
C ILE A 83 20.72 11.75 17.61
N GLN A 84 19.63 11.15 18.08
CA GLN A 84 18.66 11.90 18.87
C GLN A 84 19.18 12.24 20.27
N ASP A 85 20.30 11.66 20.68
CA ASP A 85 20.92 11.94 21.97
C ASP A 85 22.20 12.75 21.82
N ASP A 86 22.37 13.46 20.70
CA ASP A 86 23.51 14.35 20.50
C ASP A 86 24.84 13.63 20.68
N CYS A 87 24.93 12.44 20.08
CA CYS A 87 26.17 11.67 20.09
C CYS A 87 26.83 11.58 18.72
N ILE A 88 26.03 11.46 17.65
CA ILE A 88 26.52 11.42 16.29
C ILE A 88 25.73 12.42 15.47
N ARG A 89 26.11 12.59 14.20
CA ARG A 89 25.42 13.50 13.30
C ARG A 89 24.88 12.83 12.05
N LYS A 90 25.60 11.88 11.48
CA LYS A 90 25.18 11.19 10.26
C LYS A 90 25.03 9.71 10.54
N ASN A 91 23.89 9.15 10.15
CA ASN A 91 23.64 7.73 10.37
C ASN A 91 24.39 6.89 9.34
N PRO A 92 25.35 6.07 9.76
CA PRO A 92 26.18 5.33 8.78
C PRO A 92 25.46 4.17 8.11
N PHE A 93 24.24 3.83 8.53
CA PHE A 93 23.49 2.73 7.93
C PHE A 93 22.38 3.21 7.00
N ASP A 94 22.27 4.52 6.77
CA ASP A 94 21.27 5.06 5.87
C ASP A 94 21.78 4.94 4.44
N PHE A 95 21.62 3.75 3.88
CA PHE A 95 22.01 3.48 2.50
C PHE A 95 21.28 2.23 2.03
N GLN A 96 21.17 2.10 0.71
CA GLN A 96 20.50 0.94 0.12
C GLN A 96 21.42 -0.27 0.13
N LEU A 97 20.91 -1.39 0.63
CA LEU A 97 21.73 -2.60 0.69
C LEU A 97 21.98 -3.16 -0.71
N SER A 98 21.07 -2.93 -1.64
CA SER A 98 21.24 -3.46 -3.00
C SER A 98 22.46 -2.87 -3.69
N ASP A 99 22.99 -1.74 -3.20
CA ASP A 99 24.20 -1.16 -3.77
C ASP A 99 25.45 -1.88 -3.30
N VAL A 100 25.39 -2.61 -2.20
CA VAL A 100 26.56 -3.29 -1.65
C VAL A 100 26.51 -4.79 -1.91
N LEU A 101 25.33 -5.39 -1.84
CA LEU A 101 25.17 -6.83 -2.02
C LEU A 101 24.11 -7.10 -3.09
N ASP A 102 24.18 -8.30 -3.67
CA ASP A 102 23.15 -8.76 -4.59
C ASP A 102 22.12 -9.59 -3.82
N ASP A 103 20.86 -9.33 -4.09
CA ASP A 103 19.77 -10.06 -3.42
C ASP A 103 19.54 -11.36 -4.15
N ASP A 104 20.07 -12.45 -3.60
CA ASP A 104 20.00 -13.78 -4.21
C ASP A 104 19.01 -14.68 -3.47
N THR A 105 17.97 -14.10 -2.88
CA THR A 105 16.99 -14.88 -2.14
C THR A 105 16.36 -15.92 -3.04
N GLU A 106 16.06 -17.09 -2.48
CA GLU A 106 15.40 -18.15 -3.22
C GLU A 106 13.94 -17.79 -3.43
N PRO A 107 13.45 -17.67 -4.66
CA PRO A 107 12.04 -17.33 -4.88
C PRO A 107 11.11 -18.37 -4.27
N LYS A 108 9.99 -17.89 -3.72
CA LYS A 108 9.00 -18.75 -3.06
C LYS A 108 7.87 -19.01 -4.06
N VAL A 109 8.01 -20.08 -4.83
CA VAL A 109 7.01 -20.46 -5.83
C VAL A 109 5.92 -21.27 -5.16
N PRO A 110 4.65 -20.94 -5.36
CA PRO A 110 3.55 -21.74 -4.82
C PRO A 110 3.36 -23.01 -5.64
N LEU A 111 2.44 -23.85 -5.18
CA LEU A 111 2.16 -25.13 -5.82
C LEU A 111 1.14 -24.94 -6.93
N THR A 112 1.43 -25.49 -8.11
CA THR A 112 0.43 -25.52 -9.16
C THR A 112 -0.72 -26.45 -8.75
N PRO A 113 -1.90 -26.27 -9.33
CA PRO A 113 -3.01 -27.16 -9.00
C PRO A 113 -2.65 -28.63 -9.10
N ALA A 114 -1.95 -29.03 -10.15
CA ALA A 114 -1.57 -30.43 -10.32
C ALA A 114 -0.61 -30.87 -9.23
N GLN A 115 0.39 -30.02 -8.91
CA GLN A 115 1.29 -30.34 -7.82
C GLN A 115 0.52 -30.53 -6.52
N GLU A 116 -0.39 -29.59 -6.21
CA GLU A 116 -1.18 -29.73 -5.00
C GLU A 116 -1.99 -31.02 -5.01
N GLU A 117 -2.62 -31.34 -6.14
CA GLU A 117 -3.37 -32.58 -6.25
C GLU A 117 -2.46 -33.79 -5.99
N SER A 118 -1.30 -33.81 -6.65
CA SER A 118 -0.37 -34.92 -6.45
C SER A 118 0.09 -35.00 -5.01
N PHE A 119 0.55 -33.88 -4.45
CA PHE A 119 1.01 -33.85 -3.06
C PHE A 119 -0.05 -34.41 -2.13
N LEU A 120 -1.30 -33.95 -2.27
CA LEU A 120 -2.36 -34.41 -1.38
C LEU A 120 -2.62 -35.90 -1.55
N SER A 121 -2.68 -36.37 -2.80
CA SER A 121 -2.88 -37.80 -3.04
C SER A 121 -1.79 -38.62 -2.36
N PHE A 122 -0.53 -38.21 -2.53
CA PHE A 122 0.57 -38.91 -1.88
C PHE A 122 0.36 -38.98 -0.37
N ILE A 123 0.12 -37.85 0.26
CA ILE A 123 -0.04 -37.81 1.72
C ILE A 123 -1.12 -38.79 2.16
N GLN A 124 -2.23 -38.87 1.42
CA GLN A 124 -3.35 -39.68 1.88
C GLN A 124 -3.07 -41.17 1.76
N GLY A 125 -2.14 -41.58 0.90
CA GLY A 125 -1.76 -42.97 0.76
C GLY A 125 -0.53 -43.40 1.55
N ASP A 126 0.16 -42.46 2.21
CA ASP A 126 1.38 -42.78 2.92
C ASP A 126 1.06 -43.26 4.34
N LYS A 127 1.55 -44.45 4.70
CA LYS A 127 1.28 -44.99 6.03
C LYS A 127 1.85 -44.12 7.12
N VAL A 128 2.97 -43.44 6.86
CA VAL A 128 3.63 -42.65 7.88
C VAL A 128 2.99 -41.27 8.01
N TYR A 129 2.64 -40.64 6.88
CA TYR A 129 2.25 -39.24 6.88
C TYR A 129 0.77 -39.02 6.57
N GLN A 130 -0.03 -40.08 6.48
CA GLN A 130 -1.45 -39.88 6.20
C GLN A 130 -2.18 -39.28 7.39
N LYS A 131 -1.68 -39.51 8.61
CA LYS A 131 -2.32 -38.91 9.78
C LYS A 131 -2.27 -37.39 9.76
N HIS A 132 -1.45 -36.79 8.90
CA HIS A 132 -1.36 -35.35 8.75
C HIS A 132 -2.12 -34.83 7.54
N TYR A 133 -2.85 -35.70 6.84
CA TYR A 133 -3.59 -35.28 5.67
C TYR A 133 -4.60 -34.18 6.02
N ASP A 134 -5.35 -34.38 7.10
CA ASP A 134 -6.38 -33.41 7.47
C ASP A 134 -5.78 -32.03 7.72
N ALA A 135 -4.71 -31.97 8.51
CA ALA A 135 -4.08 -30.68 8.80
C ALA A 135 -3.61 -30.00 7.52
N ILE A 136 -2.97 -30.75 6.63
CA ILE A 136 -2.47 -30.15 5.39
C ILE A 136 -3.63 -29.70 4.50
N VAL A 137 -4.73 -30.46 4.50
CA VAL A 137 -5.91 -30.05 3.75
C VAL A 137 -6.47 -28.75 4.31
N ILE A 138 -6.41 -28.59 5.64
CA ILE A 138 -6.94 -27.38 6.26
C ILE A 138 -6.08 -26.18 5.92
N LEU A 139 -4.76 -26.35 5.92
CA LEU A 139 -3.88 -25.25 5.53
C LEU A 139 -4.17 -24.78 4.12
N LEU A 140 -4.15 -25.71 3.15
CA LEU A 140 -4.41 -25.34 1.77
C LEU A 140 -5.77 -24.66 1.61
N GLY A 141 -6.74 -25.03 2.45
CA GLY A 141 -8.09 -24.51 2.32
C GLY A 141 -8.46 -23.34 3.20
N THR A 142 -7.54 -22.86 4.05
CA THR A 142 -7.86 -21.76 4.95
C THR A 142 -6.83 -20.64 4.90
N GLY A 143 -5.58 -20.99 4.58
CA GLY A 143 -4.51 -20.02 4.62
C GLY A 143 -3.95 -19.75 6.00
N LEU A 144 -4.33 -20.52 7.00
CA LEU A 144 -3.84 -20.31 8.37
C LEU A 144 -2.32 -20.36 8.43
N LYS A 145 -1.74 -19.45 9.20
CA LYS A 145 -0.33 -19.61 9.56
C LYS A 145 -0.17 -20.80 10.50
N ILE A 146 1.03 -21.35 10.54
CA ILE A 146 1.24 -22.65 11.19
C ILE A 146 0.87 -22.59 12.67
N SER A 147 1.32 -21.54 13.37
CA SER A 147 0.99 -21.47 14.79
C SER A 147 -0.48 -21.12 15.03
N GLU A 148 -1.10 -20.41 14.08
CA GLU A 148 -2.54 -20.22 14.17
C GLU A 148 -3.27 -21.56 14.16
N LEU A 149 -2.80 -22.48 13.32
CA LEU A 149 -3.42 -23.81 13.26
C LEU A 149 -3.16 -24.58 14.55
N CYS A 150 -1.92 -24.58 15.03
CA CYS A 150 -1.62 -25.25 16.29
C CYS A 150 -2.47 -24.70 17.43
N GLY A 151 -2.74 -23.39 17.41
CA GLY A 151 -3.50 -22.76 18.46
C GLY A 151 -4.99 -23.04 18.45
N LEU A 152 -5.48 -23.84 17.52
CA LEU A 152 -6.92 -24.09 17.41
C LEU A 152 -7.39 -25.10 18.45
N THR A 153 -8.53 -24.80 19.06
CA THR A 153 -9.17 -25.67 20.04
C THR A 153 -10.65 -25.81 19.70
N ASP A 154 -11.37 -26.59 20.51
CA ASP A 154 -12.79 -26.82 20.27
C ASP A 154 -13.57 -25.52 20.30
N LYS A 155 -13.26 -24.63 21.25
CA LYS A 155 -13.97 -23.36 21.39
C LYS A 155 -13.65 -22.38 20.27
N ASP A 156 -12.86 -22.78 19.28
CA ASP A 156 -12.51 -21.92 18.16
C ASP A 156 -13.22 -22.31 16.87
N LEU A 157 -14.00 -23.39 16.88
CA LEU A 157 -14.69 -23.89 15.72
C LEU A 157 -16.19 -23.67 15.87
N ASP A 158 -16.81 -23.14 14.83
CA ASP A 158 -18.27 -22.94 14.80
C ASP A 158 -18.81 -23.84 13.69
N PHE A 159 -19.04 -25.10 14.04
CA PHE A 159 -19.56 -26.06 13.06
C PHE A 159 -20.97 -25.70 12.62
N GLU A 160 -21.73 -24.99 13.47
CA GLU A 160 -23.08 -24.61 13.09
C GLU A 160 -23.06 -23.70 11.87
N ASN A 161 -22.21 -22.68 11.88
CA ASN A 161 -22.04 -21.79 10.73
C ASN A 161 -20.88 -22.20 9.84
N ARG A 162 -20.08 -23.19 10.24
CA ARG A 162 -18.89 -23.60 9.50
C ARG A 162 -17.91 -22.43 9.39
N VAL A 163 -17.51 -21.92 10.54
CA VAL A 163 -16.59 -20.79 10.62
C VAL A 163 -15.41 -21.16 11.51
N ILE A 164 -14.24 -20.61 11.18
CA ILE A 164 -13.04 -20.73 12.00
C ILE A 164 -12.78 -19.39 12.63
N ILE A 165 -12.58 -19.38 13.95
CA ILE A 165 -12.37 -18.15 14.71
C ILE A 165 -10.89 -18.10 15.08
N VAL A 166 -10.12 -17.28 14.39
CA VAL A 166 -8.69 -17.14 14.61
C VAL A 166 -8.47 -15.92 15.49
N SER A 167 -8.00 -16.14 16.72
CA SER A 167 -7.80 -15.07 17.69
C SER A 167 -6.47 -15.13 18.42
N HIS A 168 -5.66 -16.16 18.18
CA HIS A 168 -4.45 -16.39 18.96
C HIS A 168 -3.58 -17.38 18.20
N GLN A 169 -2.38 -17.62 18.75
CA GLN A 169 -1.48 -18.63 18.21
C GLN A 169 -0.77 -19.31 19.37
N LEU A 170 -0.53 -20.61 19.22
CA LEU A 170 0.16 -21.41 20.21
C LEU A 170 1.63 -21.55 19.81
N LEU A 171 2.53 -21.23 20.73
CA LEU A 171 3.96 -21.23 20.47
C LEU A 171 4.68 -21.99 21.58
N ARG A 172 5.91 -22.42 21.28
CA ARG A 172 6.79 -23.03 22.26
C ARG A 172 8.22 -22.60 21.99
N ASN A 173 8.98 -22.40 23.05
CA ASN A 173 10.40 -22.09 22.94
C ASN A 173 11.16 -22.80 24.04
N THR A 174 12.46 -22.98 23.81
CA THR A 174 13.32 -23.55 24.83
C THR A 174 13.27 -22.70 26.09
N GLY A 175 13.00 -23.34 27.22
CA GLY A 175 12.89 -22.63 28.48
C GLY A 175 11.46 -22.36 28.89
N VAL A 176 10.84 -21.35 28.27
CA VAL A 176 9.48 -20.99 28.63
C VAL A 176 8.47 -22.06 28.24
N GLY A 177 8.80 -22.93 27.29
CA GLY A 177 7.82 -23.90 26.84
C GLY A 177 6.67 -23.23 26.10
N TYR A 178 5.47 -23.79 26.25
CA TYR A 178 4.30 -23.27 25.55
C TYR A 178 3.88 -21.91 26.08
N TYR A 179 3.25 -21.12 25.21
CA TYR A 179 2.56 -19.90 25.63
C TYR A 179 1.66 -19.45 24.49
N ILE A 180 0.69 -18.60 24.84
CA ILE A 180 -0.27 -18.07 23.88
C ILE A 180 0.10 -16.63 23.58
N ASP A 181 0.21 -16.31 22.28
CA ASP A 181 0.45 -14.96 21.80
C ASP A 181 -0.74 -14.51 20.96
N GLU A 182 -0.62 -13.32 20.38
CA GLU A 182 -1.63 -12.72 19.52
C GLU A 182 -1.10 -12.54 18.12
N PRO A 183 -1.99 -12.41 17.12
CA PRO A 183 -1.53 -12.21 15.73
C PRO A 183 -0.67 -10.96 15.57
N LYS A 184 -0.59 -10.14 16.62
CA LYS A 184 0.29 -8.98 16.65
C LYS A 184 -0.05 -8.01 15.53
N THR A 185 -1.33 -7.72 15.38
CA THR A 185 -1.78 -6.76 14.37
C THR A 185 -3.25 -6.37 14.56
N SER A 187 -7.03 -5.51 14.63
CA SER A 187 -7.69 -6.62 15.30
C SER A 187 -7.41 -7.95 14.60
N GLY A 188 -6.27 -8.56 14.94
CA GLY A 188 -5.85 -9.82 14.36
C GLY A 188 -6.91 -10.89 14.36
N VAL A 189 -7.94 -10.72 15.20
CA VAL A 189 -9.07 -11.63 15.17
C VAL A 189 -9.70 -11.61 13.79
N ARG A 190 -10.13 -12.78 13.32
CA ARG A 190 -10.80 -12.91 12.03
C ARG A 190 -11.45 -14.27 11.96
N LYS A 191 -12.45 -14.39 11.09
CA LYS A 191 -13.22 -15.62 10.93
C LYS A 191 -13.04 -16.13 9.50
N ILE A 192 -12.59 -17.37 9.38
CA ILE A 192 -12.37 -18.01 8.09
C ILE A 192 -13.51 -19.00 7.87
N PRO A 193 -14.28 -18.87 6.79
CA PRO A 193 -15.32 -19.87 6.52
C PRO A 193 -14.70 -21.22 6.13
N MET A 194 -15.41 -22.27 6.48
CA MET A 194 -14.98 -23.64 6.18
C MET A 194 -15.67 -24.13 4.92
N ASN A 195 -14.90 -24.57 3.94
CA ASN A 195 -15.52 -25.22 2.79
C ASN A 195 -15.78 -26.69 3.10
N GLU A 196 -16.48 -27.35 2.18
CA GLU A 196 -16.90 -28.74 2.42
C GLU A 196 -15.70 -29.62 2.79
N GLU A 197 -14.60 -29.49 2.06
CA GLU A 197 -13.45 -30.34 2.30
C GLU A 197 -12.76 -30.00 3.62
N VAL A 198 -12.79 -28.74 4.03
CA VAL A 198 -12.21 -28.35 5.31
C VAL A 198 -13.13 -28.74 6.46
N TYR A 199 -14.45 -28.66 6.25
CA TYR A 199 -15.39 -29.09 7.27
C TYR A 199 -15.21 -30.56 7.59
N GLN A 200 -15.21 -31.41 6.57
CA GLN A 200 -14.96 -32.84 6.79
C GLN A 200 -13.59 -33.06 7.40
N ALA A 201 -12.64 -32.15 7.14
CA ALA A 201 -11.29 -32.33 7.66
C ALA A 201 -11.25 -32.14 9.18
N PHE A 202 -11.83 -31.05 9.68
CA PHE A 202 -11.93 -30.87 11.11
C PHE A 202 -12.77 -31.98 11.74
N GLN A 203 -13.84 -32.40 11.07
CA GLN A 203 -14.69 -33.45 11.60
C GLN A 203 -13.87 -34.71 11.89
N ARG A 204 -12.93 -35.06 11.01
CA ARG A 204 -12.10 -36.23 11.22
C ARG A 204 -11.09 -36.00 12.34
N VAL A 205 -10.59 -34.77 12.48
CA VAL A 205 -9.59 -34.50 13.50
C VAL A 205 -10.21 -34.56 14.89
N ILE A 206 -11.46 -34.10 15.02
CA ILE A 206 -12.15 -34.18 16.30
C ILE A 206 -12.42 -35.63 16.68
N LYS A 207 -12.92 -36.42 15.73
CA LYS A 207 -13.28 -37.80 16.04
C LYS A 207 -12.04 -38.65 16.31
N ASN A 208 -10.96 -38.42 15.59
CA ASN A 208 -9.77 -39.24 15.70
C ASN A 208 -8.82 -38.78 16.79
N ARG A 209 -9.16 -37.74 17.53
CA ARG A 209 -8.29 -37.27 18.61
C ARG A 209 -8.31 -38.26 19.76
N LYS A 210 -7.12 -38.56 20.29
CA LYS A 210 -6.99 -39.51 21.39
C LYS A 210 -5.72 -39.23 22.15
N GLY A 211 -5.76 -39.50 23.46
CA GLY A 211 -4.56 -39.48 24.27
C GLY A 211 -4.04 -38.10 24.62
N ALA A 212 -4.90 -37.09 24.68
CA ALA A 212 -4.46 -35.76 25.06
C ALA A 212 -4.12 -35.73 26.55
N LYS A 213 -2.95 -35.16 26.88
CA LYS A 213 -2.55 -35.10 28.29
C LYS A 213 -3.08 -33.84 28.96
N PRO A 214 -3.26 -33.87 30.28
CA PRO A 214 -3.70 -32.67 31.00
C PRO A 214 -2.89 -31.45 30.61
N PHE A 215 -3.57 -30.43 30.06
CA PHE A 215 -2.87 -29.31 29.46
C PHE A 215 -3.83 -28.13 29.37
N ILE A 216 -3.45 -27.00 29.96
CA ILE A 216 -4.16 -25.74 29.75
C ILE A 216 -3.17 -24.60 29.95
N ILE A 217 -3.17 -23.66 29.02
CA ILE A 217 -2.21 -22.57 29.01
C ILE A 217 -2.95 -21.28 28.66
N ASP A 218 -2.82 -20.27 29.52
CA ASP A 218 -3.41 -18.95 29.29
C ASP A 218 -4.91 -19.04 29.01
N GLY A 219 -5.55 -20.04 29.61
CA GLY A 219 -6.99 -20.22 29.48
C GLY A 219 -7.43 -21.05 28.29
N TYR A 220 -6.51 -21.63 27.54
CA TYR A 220 -6.84 -22.42 26.36
C TYR A 220 -6.53 -23.89 26.61
N ALA A 221 -7.50 -24.74 26.33
CA ALA A 221 -7.34 -26.19 26.43
C ALA A 221 -8.04 -26.85 25.26
N ASN A 222 -7.89 -28.18 25.16
CA ASN A 222 -8.58 -28.97 24.14
C ASN A 222 -8.12 -28.59 22.74
N PHE A 223 -6.83 -28.80 22.48
CA PHE A 223 -6.26 -28.48 21.19
C PHE A 223 -6.48 -29.61 20.20
N LEU A 224 -6.64 -29.25 18.93
CA LEU A 224 -7.05 -30.22 17.92
C LEU A 224 -5.87 -31.07 17.43
N PHE A 225 -4.69 -30.47 17.29
CA PHE A 225 -3.55 -31.12 16.67
C PHE A 225 -2.51 -31.45 17.74
N LEU A 226 -2.38 -32.74 18.06
CA LEU A 226 -1.54 -33.20 19.16
C LEU A 226 -0.38 -34.04 18.63
N LYS A 227 0.77 -33.89 19.28
CA LYS A 227 1.92 -34.73 19.00
C LYS A 227 1.68 -36.14 19.54
N GLN A 228 2.52 -37.08 19.11
CA GLN A 228 2.40 -38.44 19.59
C GLN A 228 2.62 -38.55 21.10
N ASN A 229 3.12 -37.49 21.74
CA ASN A 229 3.37 -37.49 23.17
C ASN A 229 2.20 -36.94 23.97
N GLY A 230 1.07 -36.64 23.32
CA GLY A 230 -0.10 -36.14 24.01
C GLY A 230 -0.17 -34.63 24.16
N TYR A 231 0.85 -33.91 23.74
CA TYR A 231 0.86 -32.47 23.84
C TYR A 231 0.74 -31.82 22.46
N PRO A 232 0.31 -30.56 22.41
CA PRO A 232 -0.01 -29.95 21.11
C PRO A 232 1.20 -29.86 20.18
N MET A 233 0.91 -29.84 18.88
CA MET A 233 1.93 -29.62 17.86
C MET A 233 2.41 -28.17 17.87
N THR A 234 3.62 -27.97 17.37
CA THR A 234 4.19 -26.64 17.24
C THR A 234 4.72 -26.46 15.83
N ALA A 235 5.09 -25.22 15.51
CA ALA A 235 5.65 -24.92 14.20
C ALA A 235 6.83 -25.82 13.89
N VAL A 236 7.78 -25.93 14.82
CA VAL A 236 8.93 -26.79 14.62
C VAL A 236 8.51 -28.21 14.32
N ASP A 237 7.44 -28.68 14.97
CA ASP A 237 6.96 -30.04 14.73
C ASP A 237 6.48 -30.18 13.28
N TYR A 238 5.64 -29.24 12.83
CA TYR A 238 5.15 -29.28 11.46
C TYR A 238 6.27 -28.98 10.46
N GLY A 239 7.22 -28.12 10.83
CA GLY A 239 8.35 -27.83 9.99
C GLY A 239 9.17 -29.07 9.66
N GLY A 240 9.68 -29.73 10.69
CA GLY A 240 10.47 -30.93 10.46
C GLY A 240 9.71 -32.02 9.74
N MET A 241 8.42 -32.17 10.06
CA MET A 241 7.61 -33.17 9.40
C MET A 241 7.50 -32.90 7.91
N PHE A 242 7.16 -31.65 7.55
CA PHE A 242 7.11 -31.27 6.14
C PHE A 242 8.44 -31.56 5.46
N GLY A 243 9.55 -31.31 6.15
CA GLY A 243 10.85 -31.59 5.57
C GLY A 243 11.00 -33.04 5.15
N ARG A 244 10.69 -33.96 6.07
CA ARG A 244 10.73 -35.37 5.72
C ARG A 244 9.69 -35.70 4.66
N LEU A 245 8.47 -35.19 4.83
CA LEU A 245 7.39 -35.51 3.90
C LEU A 245 7.75 -35.12 2.46
N VAL A 246 8.33 -33.94 2.28
CA VAL A 246 8.67 -33.48 0.93
C VAL A 246 9.86 -34.25 0.39
N LYS A 247 10.89 -34.46 1.22
CA LYS A 247 12.03 -35.25 0.78
C LYS A 247 11.60 -36.66 0.40
N LYS A 248 10.56 -37.19 1.02
CA LYS A 248 10.05 -38.50 0.64
C LYS A 248 9.26 -38.44 -0.67
N TYR A 249 8.45 -37.40 -0.84
CA TYR A 249 7.68 -37.25 -2.07
C TYR A 249 8.60 -37.14 -3.28
N ASN A 250 9.60 -36.26 -3.20
CA ASN A 250 10.51 -36.06 -4.32
C ASN A 250 11.29 -37.32 -4.67
N LYS A 251 11.37 -38.29 -3.75
CA LYS A 251 12.08 -39.52 -4.06
C LYS A 251 11.31 -40.42 -5.00
N SER A 252 9.98 -40.28 -5.08
CA SER A 252 9.16 -41.16 -5.89
C SER A 252 8.38 -40.41 -6.97
N HIS A 253 8.67 -39.14 -7.20
CA HIS A 253 8.05 -38.36 -8.26
C HIS A 253 9.13 -37.67 -9.08
N GLU A 254 8.98 -37.71 -10.41
CA GLU A 254 10.01 -37.17 -11.27
C GLU A 254 10.20 -35.67 -11.04
N GLU A 255 9.11 -34.91 -11.07
CA GLU A 255 9.17 -33.47 -10.85
C GLU A 255 9.06 -33.20 -9.36
N ALA A 256 10.18 -32.86 -8.74
CA ALA A 256 10.18 -32.56 -7.31
C ALA A 256 9.33 -31.34 -7.00
N LEU A 257 8.90 -31.23 -5.75
CA LEU A 257 8.17 -30.06 -5.30
C LEU A 257 9.12 -28.87 -5.19
N PRO A 258 8.58 -27.66 -5.23
CA PRO A 258 9.43 -26.47 -5.10
C PRO A 258 10.34 -26.57 -3.88
N LYS A 259 11.51 -25.94 -3.98
CA LYS A 259 12.47 -26.01 -2.88
C LYS A 259 11.85 -25.54 -1.57
N THR A 260 11.07 -24.46 -1.62
CA THR A 260 10.44 -23.92 -0.41
C THR A 260 9.01 -24.41 -0.29
N THR A 261 8.87 -25.72 -0.12
CA THR A 261 7.58 -26.34 0.15
C THR A 261 7.50 -26.61 1.64
N THR A 262 7.00 -25.62 2.38
CA THR A 262 6.91 -25.69 3.82
C THR A 262 5.48 -25.37 4.25
N PRO A 263 5.18 -25.35 5.55
CA PRO A 263 3.81 -25.01 5.98
C PRO A 263 3.36 -23.65 5.50
N HIS A 264 4.25 -22.67 5.36
CA HIS A 264 3.83 -21.38 4.83
C HIS A 264 3.52 -21.46 3.34
N ALA A 265 4.21 -22.34 2.61
CA ALA A 265 3.91 -22.53 1.19
C ALA A 265 2.45 -22.87 0.97
N MET A 266 1.84 -23.58 1.92
CA MET A 266 0.40 -23.83 1.87
C MET A 266 -0.37 -22.52 1.93
N ARG A 267 0.02 -21.64 2.85
CA ARG A 267 -0.61 -20.33 2.94
C ARG A 267 -0.35 -19.52 1.67
N HIS A 268 0.86 -19.60 1.14
CA HIS A 268 1.20 -18.91 -0.10
C HIS A 268 0.32 -19.41 -1.24
N THR A 269 0.21 -20.73 -1.37
CA THR A 269 -0.62 -21.31 -2.43
C THR A 269 -2.08 -20.85 -2.29
N PHE A 270 -2.63 -20.96 -1.08
CA PHE A 270 -4.00 -20.52 -0.83
C PHE A 270 -4.23 -19.11 -1.37
N CYS A 271 -3.31 -18.19 -1.07
CA CYS A 271 -3.50 -16.79 -1.43
C CYS A 271 -3.33 -16.57 -2.93
N THR A 272 -2.31 -17.17 -3.53
CA THR A 272 -2.09 -17.02 -4.96
C THR A 272 -3.28 -17.55 -5.76
N ARG A 273 -3.79 -18.72 -5.38
CA ARG A 273 -4.93 -19.30 -6.09
C ARG A 273 -6.12 -18.35 -6.07
N LEU A 274 -6.50 -17.89 -4.88
CA LEU A 274 -7.65 -16.99 -4.78
C LEU A 274 -7.40 -15.70 -5.55
N ALA A 275 -6.17 -15.18 -5.50
CA ALA A 275 -5.87 -13.96 -6.23
C ALA A 275 -5.91 -14.20 -7.74
N ASN A 276 -5.35 -15.32 -8.19
CA ASN A 276 -5.35 -15.62 -9.62
C ASN A 276 -6.77 -15.77 -10.16
N ALA A 277 -7.66 -16.39 -9.37
CA ALA A 277 -9.04 -16.55 -9.79
C ALA A 277 -9.82 -15.24 -9.78
N GLY A 278 -9.22 -14.15 -9.29
CA GLY A 278 -9.86 -12.85 -9.34
C GLY A 278 -10.74 -12.55 -8.15
N MET A 279 -10.26 -12.85 -6.94
CA MET A 279 -11.02 -12.56 -5.74
C MET A 279 -10.86 -11.09 -5.36
N ASN A 280 -11.93 -10.52 -4.80
CA ASN A 280 -11.89 -9.15 -4.30
C ASN A 280 -10.65 -8.96 -3.43
N PRO A 281 -9.77 -8.01 -3.76
CA PRO A 281 -8.49 -7.92 -3.03
C PRO A 281 -8.66 -7.57 -1.56
N LYS A 282 -9.65 -6.74 -1.21
CA LYS A 282 -9.82 -6.39 0.19
C LYS A 282 -10.51 -7.51 0.97
N ALA A 283 -11.26 -8.36 0.28
CA ALA A 283 -11.83 -9.54 0.93
C ALA A 283 -10.75 -10.59 1.17
N LEU A 284 -9.86 -10.79 0.20
CA LEU A 284 -8.75 -11.72 0.40
C LEU A 284 -7.83 -11.24 1.51
N GLN A 285 -7.74 -9.92 1.70
CA GLN A 285 -6.92 -9.39 2.80
C GLN A 285 -7.51 -9.77 4.14
N TYR A 286 -8.84 -9.66 4.29
CA TYR A 286 -9.48 -10.03 5.56
C TYR A 286 -9.22 -11.50 5.89
N ILE A 287 -9.26 -12.37 4.89
CA ILE A 287 -9.04 -13.80 5.15
C ILE A 287 -7.59 -14.04 5.55
N MET A 288 -6.65 -13.43 4.85
CA MET A 288 -5.24 -13.68 5.14
C MET A 288 -4.82 -13.09 6.48
N GLY A 289 -5.52 -12.06 6.96
CA GLY A 289 -5.13 -11.39 8.18
C GLY A 289 -4.09 -10.33 8.00
N HIS A 290 -3.88 -9.85 6.77
CA HIS A 290 -2.91 -8.80 6.51
C HIS A 290 -3.40 -7.46 7.04
N SER A 291 -2.46 -6.66 7.55
CA SER A 291 -2.78 -5.31 8.00
C SER A 291 -2.72 -4.29 6.87
N ASN A 292 -1.62 -4.26 6.14
CA ASN A 292 -1.48 -3.37 5.00
C ASN A 292 -1.89 -4.09 3.73
N ILE A 293 -2.82 -3.49 2.98
CA ILE A 293 -3.31 -4.11 1.75
C ILE A 293 -2.18 -4.38 0.77
N THR A 294 -1.03 -3.70 0.94
CA THR A 294 0.10 -3.94 0.05
C THR A 294 0.57 -5.38 0.14
N MET A 295 0.62 -5.94 1.35
CA MET A 295 1.05 -7.32 1.52
C MET A 295 0.18 -8.27 0.70
N THR A 296 -1.15 -8.14 0.82
CA THR A 296 -2.04 -8.98 0.04
C THR A 296 -1.84 -8.77 -1.46
N LEU A 297 -1.45 -7.56 -1.88
CA LEU A 297 -1.39 -7.23 -3.30
C LEU A 297 -0.20 -7.88 -4.00
N ASN A 298 0.84 -8.27 -3.27
CA ASN A 298 1.99 -8.89 -3.92
C ASN A 298 1.63 -10.18 -4.62
N TYR A 299 0.55 -10.85 -4.19
CA TYR A 299 0.13 -12.09 -4.83
C TYR A 299 -0.53 -11.88 -6.18
N TYR A 300 -0.66 -10.64 -6.63
CA TYR A 300 -1.30 -10.32 -7.90
C TYR A 300 -0.24 -9.98 -8.94
N ALA A 301 -0.26 -10.70 -10.07
CA ALA A 301 0.74 -10.48 -11.11
C ALA A 301 0.62 -9.08 -11.68
N HIS A 302 1.77 -8.48 -12.02
CA HIS A 302 1.79 -7.17 -12.63
C HIS A 302 0.85 -7.12 -13.83
N ALA A 303 0.39 -5.93 -14.20
CA ALA A 303 -0.47 -5.76 -15.35
C ALA A 303 0.28 -5.05 -16.46
N THR A 304 -0.01 -5.42 -17.70
CA THR A 304 0.52 -4.73 -18.88
C THR A 304 -0.62 -4.12 -19.66
N PHE A 305 -0.28 -3.32 -20.67
CA PHE A 305 -1.31 -2.74 -21.51
C PHE A 305 -2.25 -3.82 -22.04
N ASP A 306 -1.69 -4.91 -22.57
CA ASP A 306 -2.51 -6.01 -23.05
C ASP A 306 -3.42 -6.54 -21.95
N SER A 307 -2.86 -6.78 -20.76
CA SER A 307 -3.67 -7.24 -19.64
C SER A 307 -4.80 -6.25 -19.34
N ALA A 308 -4.47 -4.96 -19.26
CA ALA A 308 -5.47 -3.97 -18.88
C ALA A 308 -6.55 -3.84 -19.94
N ARG A 309 -6.17 -3.78 -21.21
CA ARG A 309 -7.17 -3.69 -22.27
C ARG A 309 -8.11 -4.88 -22.25
N ALA A 310 -7.61 -6.07 -21.91
CA ALA A 310 -8.46 -7.25 -21.86
C ALA A 310 -9.52 -7.12 -20.78
N GLU A 311 -9.12 -6.68 -19.58
CA GLU A 311 -10.08 -6.47 -18.51
C GLU A 311 -11.12 -5.43 -18.90
N MET A 312 -10.68 -4.32 -19.48
CA MET A 312 -11.63 -3.29 -19.88
C MET A 312 -12.55 -3.76 -20.98
N GLU A 313 -12.17 -4.78 -21.75
CA GLU A 313 -13.07 -5.34 -22.73
C GLU A 313 -14.10 -6.24 -22.07
N ARG A 314 -13.69 -7.03 -21.07
CA ARG A 314 -14.59 -7.85 -20.28
C ARG A 314 -15.57 -7.04 -19.44
N LEU A 315 -15.51 -5.71 -19.50
CA LEU A 315 -16.37 -4.89 -18.67
C LEU A 315 -16.93 -3.69 -19.43
N SER D 1 16.70 30.08 9.71
CA SER D 1 17.11 31.18 10.58
C SER D 1 16.31 31.15 11.88
N MET D 2 16.33 32.26 12.62
CA MET D 2 15.73 32.29 13.94
C MET D 2 14.21 32.19 13.88
N THR D 3 13.55 33.21 13.34
CA THR D 3 12.09 33.19 13.31
C THR D 3 11.60 32.05 12.41
N VAL D 4 10.33 31.69 12.59
CA VAL D 4 9.74 30.62 11.79
C VAL D 4 9.72 31.00 10.32
N CYS D 5 9.29 32.22 10.01
CA CYS D 5 9.27 32.66 8.62
C CYS D 5 10.65 32.56 7.99
N GLN D 6 11.70 32.80 8.77
CA GLN D 6 13.06 32.67 8.25
C GLN D 6 13.47 31.22 8.09
N LEU D 7 13.01 30.34 8.98
CA LEU D 7 13.31 28.92 8.84
C LEU D 7 12.65 28.35 7.58
N TYR D 8 11.39 28.69 7.36
CA TYR D 8 10.72 28.22 6.15
C TYR D 8 11.39 28.79 4.90
N ALA D 9 11.83 30.05 4.96
CA ALA D 9 12.53 30.63 3.83
C ALA D 9 13.80 29.86 3.50
N LYS D 10 14.57 29.49 4.53
CA LYS D 10 15.76 28.67 4.29
C LYS D 10 15.39 27.29 3.77
N GLN D 11 14.34 26.69 4.36
CA GLN D 11 13.89 25.38 3.90
C GLN D 11 13.48 25.41 2.43
N ILE D 12 13.03 26.56 1.93
CA ILE D 12 12.60 26.65 0.54
C ILE D 12 13.79 26.71 -0.40
N ARG D 13 14.77 27.56 -0.08
CA ARG D 13 15.99 27.62 -0.89
C ARG D 13 16.77 26.32 -0.81
N HIS D 14 16.73 25.64 0.34
CA HIS D 14 17.42 24.36 0.49
C HIS D 14 16.92 23.36 -0.57
N ARG D 15 15.62 23.36 -0.83
CA ARG D 15 15.00 22.39 -1.73
C ARG D 15 14.24 23.17 -2.82
N GLY D 16 14.98 23.82 -3.71
CA GLY D 16 14.42 24.72 -4.69
C GLY D 16 14.17 24.17 -6.07
N ASN D 17 14.43 22.89 -6.32
CA ASN D 17 14.17 22.28 -7.61
C ASN D 17 12.71 21.82 -7.70
N VAL D 18 11.80 22.79 -7.60
CA VAL D 18 10.37 22.52 -7.61
C VAL D 18 9.75 23.15 -8.85
N LYS D 19 8.49 22.80 -9.10
CA LYS D 19 7.75 23.29 -10.25
C LYS D 19 6.95 24.54 -9.89
N HIS D 20 6.42 25.19 -10.93
CA HIS D 20 5.83 26.51 -10.74
C HIS D 20 4.69 26.48 -9.71
N ASN D 21 3.81 25.49 -9.81
CA ASN D 21 2.71 25.40 -8.86
C ASN D 21 3.22 25.24 -7.43
N THR D 22 4.32 24.49 -7.26
CA THR D 22 4.94 24.39 -5.94
C THR D 22 5.44 25.75 -5.46
N LYS D 23 6.05 26.52 -6.36
CA LYS D 23 6.49 27.87 -5.98
C LYS D 23 5.32 28.71 -5.51
N LEU D 24 4.18 28.62 -6.20
CA LEU D 24 3.00 29.35 -5.74
C LEU D 24 2.51 28.80 -4.40
N GLY D 25 2.50 27.48 -4.25
CA GLY D 25 2.11 26.89 -2.98
C GLY D 25 2.93 27.43 -1.83
N ARG D 26 4.25 27.27 -1.92
CA ARG D 26 5.13 27.75 -0.85
C ARG D 26 4.91 29.23 -0.60
N GLU D 27 4.66 30.01 -1.65
CA GLU D 27 4.34 31.42 -1.49
C GLU D 27 3.11 31.61 -0.61
N ARG D 28 2.06 30.83 -0.86
CA ARG D 28 0.84 30.92 -0.06
C ARG D 28 1.12 30.64 1.41
N LEU D 29 1.83 29.55 1.70
CA LEU D 29 2.16 29.24 3.08
C LEU D 29 3.04 30.33 3.69
N MET D 30 3.97 30.86 2.90
CA MET D 30 4.85 31.92 3.41
C MET D 30 4.05 33.14 3.84
N ARG D 31 2.93 33.42 3.17
CA ARG D 31 2.13 34.57 3.57
C ARG D 31 1.35 34.29 4.85
N ILE D 32 0.81 33.08 4.98
CA ILE D 32 0.08 32.71 6.19
C ILE D 32 0.96 32.90 7.41
N LEU D 33 2.23 32.49 7.32
CA LEU D 33 3.16 32.67 8.43
C LEU D 33 3.40 34.14 8.70
N GLU D 34 3.68 34.91 7.64
CA GLU D 34 3.94 36.34 7.80
C GLU D 34 2.77 37.08 8.43
N GLN D 35 1.57 36.50 8.41
CA GLN D 35 0.41 37.10 9.04
C GLN D 35 0.05 36.48 10.38
N ASP D 36 0.56 35.30 10.67
CA ASP D 36 0.22 34.59 11.91
C ASP D 36 1.26 34.86 12.99
N ARG D 37 0.80 34.82 14.24
CA ARG D 37 1.72 35.04 15.36
C ARG D 37 2.93 34.13 15.27
N LEU D 38 2.73 32.89 14.83
CA LEU D 38 3.82 31.93 14.76
C LEU D 38 4.95 32.39 13.83
N GLY D 39 4.67 33.33 12.94
CA GLY D 39 5.65 33.68 11.93
C GLY D 39 6.92 34.31 12.49
N SER D 40 6.77 35.22 13.45
CA SER D 40 7.91 35.96 13.99
C SER D 40 8.38 35.41 15.34
N CYS D 41 8.23 34.11 15.55
CA CYS D 41 8.70 33.54 16.82
C CYS D 41 10.04 32.83 16.62
N PRO D 42 10.98 33.01 17.54
CA PRO D 42 12.24 32.25 17.45
C PRO D 42 11.95 30.75 17.51
N ILE D 43 12.52 30.01 16.56
CA ILE D 43 12.24 28.58 16.49
C ILE D 43 12.71 27.88 17.75
N ASP D 44 13.77 28.38 18.39
CA ASP D 44 14.25 27.83 19.63
C ASP D 44 13.26 28.00 20.78
N SER D 45 12.12 28.63 20.54
CA SER D 45 11.11 28.85 21.57
C SER D 45 9.72 28.38 21.12
N VAL D 46 9.66 27.55 20.08
CA VAL D 46 8.40 27.04 19.55
C VAL D 46 8.13 25.68 20.20
N LYS D 47 7.10 25.62 21.03
CA LYS D 47 6.77 24.40 21.76
C LYS D 47 5.62 23.67 21.07
N LEU D 48 5.29 22.50 21.60
CA LEU D 48 4.22 21.69 21.03
C LEU D 48 2.88 22.42 21.12
N SER D 49 2.66 23.16 22.21
CA SER D 49 1.40 23.88 22.36
C SER D 49 1.28 25.00 21.35
N ASP D 50 2.38 25.69 21.05
CA ASP D 50 2.34 26.76 20.06
C ASP D 50 1.90 26.24 18.70
N ALA D 51 2.40 25.07 18.31
CA ALA D 51 2.07 24.51 17.00
C ALA D 51 0.61 24.08 16.95
N LYS D 52 0.14 23.40 18.00
CA LYS D 52 -1.25 22.97 18.03
C LYS D 52 -2.19 24.17 17.97
N GLU D 53 -1.91 25.21 18.75
CA GLU D 53 -2.72 26.42 18.69
C GLU D 53 -2.69 27.05 17.31
N TRP D 54 -1.56 26.93 16.60
CA TRP D 54 -1.51 27.45 15.25
C TRP D 54 -2.54 26.76 14.35
N ALA D 55 -2.65 25.43 14.47
CA ALA D 55 -3.66 24.72 13.71
C ALA D 55 -5.07 25.20 14.06
N LEU D 56 -5.30 25.54 15.33
CA LEU D 56 -6.60 26.06 15.74
C LEU D 56 -6.92 27.36 15.02
N ARG D 57 -5.98 28.31 15.04
CA ARG D 57 -6.22 29.59 14.38
C ARG D 57 -6.45 29.40 12.89
N MET D 58 -5.65 28.56 12.25
CA MET D 58 -5.89 28.22 10.84
C MET D 58 -7.35 27.83 10.63
N LYS D 59 -7.87 26.94 11.47
CA LYS D 59 -9.28 26.56 11.38
C LYS D 59 -10.19 27.76 11.62
N GLU D 60 -9.88 28.57 12.63
CA GLU D 60 -10.72 29.74 12.91
C GLU D 60 -10.62 30.76 11.79
N LYS D 61 -9.50 30.79 11.08
CA LYS D 61 -9.37 31.66 9.93
C LYS D 61 -10.29 31.25 8.80
N GLY D 62 -10.64 29.97 8.72
CA GLY D 62 -11.49 29.45 7.66
C GLY D 62 -10.87 28.37 6.81
N LEU D 63 -9.61 28.01 7.02
CA LEU D 63 -8.94 27.03 6.17
C LEU D 63 -9.42 25.62 6.49
N SER D 64 -9.46 24.78 5.46
CA SER D 64 -9.94 23.42 5.59
C SER D 64 -8.95 22.54 6.35
N TYR D 65 -9.41 21.33 6.67
CA TYR D 65 -8.60 20.40 7.44
C TYR D 65 -7.35 19.98 6.66
N LYS D 66 -7.52 19.57 5.40
CA LYS D 66 -6.38 19.08 4.64
C LYS D 66 -5.39 20.21 4.34
N THR D 67 -5.91 21.41 4.06
CA THR D 67 -5.03 22.57 3.89
C THR D 67 -4.10 22.73 5.09
N ILE D 68 -4.67 22.70 6.29
CA ILE D 68 -3.87 22.86 7.50
C ILE D 68 -2.97 21.63 7.69
N ASN D 69 -3.48 20.44 7.41
CA ASN D 69 -2.69 19.23 7.62
C ASN D 69 -1.51 19.18 6.66
N ASN D 70 -1.64 19.74 5.46
CA ASN D 70 -0.51 19.77 4.55
C ASN D 70 0.49 20.86 4.95
N ASP D 71 0.00 22.04 5.32
CA ASP D 71 0.89 23.08 5.81
C ASP D 71 1.62 22.62 7.07
N LYS D 72 0.95 21.85 7.92
CA LYS D 72 1.61 21.25 9.07
C LYS D 72 2.78 20.39 8.63
N ARG D 73 2.65 19.71 7.48
CA ARG D 73 3.74 18.87 7.00
C ARG D 73 4.89 19.70 6.43
N SER D 74 4.56 20.78 5.72
CA SER D 74 5.60 21.69 5.25
C SER D 74 6.42 22.24 6.40
N LEU D 75 5.76 22.63 7.49
CA LEU D 75 6.47 23.16 8.65
C LEU D 75 7.20 22.05 9.40
N LYS D 76 6.60 20.85 9.48
CA LYS D 76 7.27 19.75 10.15
C LYS D 76 8.60 19.42 9.47
N ALA D 77 8.63 19.48 8.14
CA ALA D 77 9.89 19.25 7.44
C ALA D 77 10.88 20.37 7.69
N ALA D 78 10.40 21.60 7.80
CA ALA D 78 11.30 22.72 8.09
C ALA D 78 11.94 22.58 9.46
N PHE D 79 11.18 22.09 10.44
CA PHE D 79 11.74 21.89 11.77
C PHE D 79 12.60 20.64 11.87
N TYR D 80 12.56 19.76 10.87
CA TYR D 80 13.51 18.65 10.85
C TYR D 80 14.82 19.04 10.20
N THR D 81 14.82 20.05 9.34
CA THR D 81 16.07 20.60 8.83
C THR D 81 16.78 21.43 9.87
N ALA D 82 16.04 22.08 10.77
CA ALA D 82 16.68 22.82 11.86
C ALA D 82 17.23 21.88 12.92
N ILE D 83 16.63 20.69 13.08
CA ILE D 83 17.16 19.71 14.01
C ILE D 83 18.38 19.01 13.42
N GLN D 84 18.38 18.78 12.10
CA GLN D 84 19.57 18.27 11.43
C GLN D 84 20.70 19.29 11.42
N ASP D 85 20.39 20.56 11.68
CA ASP D 85 21.39 21.60 11.82
C ASP D 85 21.65 21.96 13.28
N ASP D 86 21.11 21.18 14.22
CA ASP D 86 21.35 21.38 15.64
C ASP D 86 20.94 22.77 16.11
N CYS D 87 19.69 23.14 15.80
CA CYS D 87 19.10 24.35 16.34
C CYS D 87 18.03 24.09 17.39
N ILE D 88 17.35 22.94 17.32
CA ILE D 88 16.42 22.48 18.34
C ILE D 88 16.55 20.97 18.44
N ARG D 89 15.86 20.40 19.41
CA ARG D 89 15.92 18.96 19.66
C ARG D 89 14.59 18.25 19.47
N LYS D 90 13.46 18.93 19.63
CA LYS D 90 12.15 18.31 19.52
C LYS D 90 11.32 19.05 18.49
N ASN D 91 10.81 18.31 17.50
CA ASN D 91 10.00 18.88 16.42
C ASN D 91 8.59 19.20 16.93
N PRO D 92 8.24 20.48 17.08
CA PRO D 92 6.93 20.83 17.65
C PRO D 92 5.75 20.51 16.76
N PHE D 93 5.95 19.99 15.54
CA PHE D 93 4.85 19.65 14.66
C PHE D 93 4.65 18.15 14.53
N ASP D 94 5.35 17.35 15.35
CA ASP D 94 5.20 15.90 15.33
C ASP D 94 4.03 15.51 16.22
N PHE D 95 2.83 15.65 15.67
CA PHE D 95 1.61 15.26 16.37
C PHE D 95 0.54 14.98 15.32
N GLN D 96 -0.51 14.29 15.74
CA GLN D 96 -1.63 13.98 14.86
C GLN D 96 -2.62 15.13 14.86
N LEU D 97 -2.94 15.64 13.68
CA LEU D 97 -3.82 16.79 13.58
C LEU D 97 -5.23 16.45 14.05
N SER D 98 -5.62 15.18 13.93
CA SER D 98 -6.96 14.77 14.36
C SER D 98 -7.15 14.91 15.87
N ASP D 99 -6.07 15.02 16.63
CA ASP D 99 -6.19 15.29 18.06
C ASP D 99 -6.57 16.74 18.34
N VAL D 100 -6.21 17.67 17.46
CA VAL D 100 -6.44 19.08 17.69
C VAL D 100 -7.66 19.56 16.91
N LEU D 101 -7.93 18.94 15.76
CA LEU D 101 -9.03 19.34 14.91
C LEU D 101 -9.85 18.13 14.47
N ASP D 102 -11.11 18.39 14.13
CA ASP D 102 -11.97 17.37 13.53
C ASP D 102 -11.88 17.47 12.01
N ASP D 103 -11.78 16.32 11.34
CA ASP D 103 -11.66 16.26 9.88
C ASP D 103 -13.05 16.35 9.28
N ASP D 104 -13.47 17.57 8.94
CA ASP D 104 -14.78 17.83 8.37
C ASP D 104 -14.75 17.94 6.85
N THR D 105 -13.78 17.29 6.21
CA THR D 105 -13.67 17.33 4.75
C THR D 105 -14.97 16.87 4.11
N GLU D 106 -15.26 17.41 2.93
CA GLU D 106 -16.47 17.05 2.21
C GLU D 106 -16.26 15.72 1.49
N PRO D 107 -17.10 14.72 1.72
CA PRO D 107 -16.93 13.43 1.01
C PRO D 107 -17.13 13.59 -0.49
N LYS D 108 -16.20 13.02 -1.26
CA LYS D 108 -16.28 13.07 -2.72
C LYS D 108 -16.98 11.81 -3.21
N VAL D 109 -18.25 11.94 -3.56
CA VAL D 109 -19.06 10.82 -4.03
C VAL D 109 -19.09 10.86 -5.56
N PRO D 110 -18.90 9.73 -6.24
CA PRO D 110 -19.02 9.70 -7.70
C PRO D 110 -20.48 9.66 -8.12
N LEU D 111 -20.69 9.69 -9.43
CA LEU D 111 -22.03 9.65 -9.98
C LEU D 111 -22.52 8.21 -10.06
N THR D 112 -23.77 7.98 -9.63
CA THR D 112 -24.39 6.69 -9.85
C THR D 112 -24.52 6.44 -11.35
N PRO D 113 -24.69 5.18 -11.75
CA PRO D 113 -24.93 4.92 -13.19
C PRO D 113 -26.09 5.74 -13.73
N ALA D 114 -27.13 5.96 -12.91
CA ALA D 114 -28.29 6.72 -13.35
C ALA D 114 -27.96 8.21 -13.49
N GLN D 115 -27.30 8.78 -12.48
CA GLN D 115 -26.89 10.18 -12.58
C GLN D 115 -26.03 10.42 -13.81
N GLU D 116 -25.07 9.51 -14.07
CA GLU D 116 -24.18 9.67 -15.21
C GLU D 116 -24.97 9.74 -16.51
N GLU D 117 -26.00 8.90 -16.66
CA GLU D 117 -26.79 8.93 -17.89
C GLU D 117 -27.61 10.21 -17.99
N SER D 118 -28.26 10.61 -16.90
CA SER D 118 -29.00 11.88 -16.92
C SER D 118 -28.06 13.05 -17.23
N PHE D 119 -26.93 13.12 -16.53
CA PHE D 119 -25.98 14.20 -16.76
C PHE D 119 -25.53 14.24 -18.22
N LEU D 120 -25.12 13.08 -18.75
CA LEU D 120 -24.73 13.02 -20.16
C LEU D 120 -25.86 13.44 -21.08
N SER D 121 -27.07 12.92 -20.84
CA SER D 121 -28.20 13.28 -21.68
C SER D 121 -28.47 14.78 -21.66
N PHE D 122 -28.23 15.43 -20.52
CA PHE D 122 -28.44 16.87 -20.43
C PHE D 122 -27.41 17.63 -21.25
N ILE D 123 -26.13 17.30 -21.07
CA ILE D 123 -25.07 17.97 -21.82
C ILE D 123 -25.34 17.87 -23.32
N GLN D 124 -25.71 16.67 -23.79
CA GLN D 124 -25.95 16.47 -25.21
C GLN D 124 -27.07 17.37 -25.73
N GLY D 125 -28.06 17.66 -24.90
CA GLY D 125 -29.19 18.43 -25.35
C GLY D 125 -29.10 19.92 -25.03
N ASP D 126 -28.13 20.31 -24.22
CA ASP D 126 -27.99 21.70 -23.83
C ASP D 126 -27.31 22.49 -24.93
N LYS D 127 -27.95 23.58 -25.36
CA LYS D 127 -27.45 24.35 -26.49
C LYS D 127 -26.11 25.01 -26.18
N VAL D 128 -25.87 25.35 -24.92
CA VAL D 128 -24.63 26.04 -24.55
C VAL D 128 -23.48 25.07 -24.33
N TYR D 129 -23.74 23.91 -23.71
CA TYR D 129 -22.67 23.02 -23.26
C TYR D 129 -22.54 21.73 -24.05
N GLN D 130 -23.40 21.49 -25.05
CA GLN D 130 -23.30 20.28 -25.84
C GLN D 130 -21.95 20.15 -26.55
N LYS D 131 -21.29 21.27 -26.83
CA LYS D 131 -19.97 21.21 -27.45
C LYS D 131 -18.95 20.52 -26.56
N HIS D 132 -19.17 20.54 -25.23
CA HIS D 132 -18.30 19.84 -24.29
C HIS D 132 -18.73 18.41 -24.04
N TYR D 133 -19.74 17.92 -24.78
CA TYR D 133 -20.22 16.56 -24.57
C TYR D 133 -19.13 15.54 -24.85
N ASP D 134 -18.31 15.79 -25.87
CA ASP D 134 -17.26 14.84 -26.23
C ASP D 134 -16.23 14.72 -25.12
N ALA D 135 -15.70 15.84 -24.65
CA ALA D 135 -14.66 15.80 -23.62
C ALA D 135 -15.14 15.08 -22.37
N ILE D 136 -16.42 15.23 -22.04
CA ILE D 136 -16.94 14.61 -20.82
C ILE D 136 -17.12 13.11 -21.00
N VAL D 137 -17.65 12.68 -22.15
CA VAL D 137 -17.66 11.25 -22.46
C VAL D 137 -16.25 10.68 -22.39
N ILE D 138 -15.27 11.43 -22.90
CA ILE D 138 -13.89 10.95 -22.89
C ILE D 138 -13.35 10.89 -21.46
N LEU D 139 -13.73 11.86 -20.63
CA LEU D 139 -13.30 11.83 -19.23
C LEU D 139 -13.89 10.63 -18.50
N LEU D 140 -15.19 10.41 -18.67
CA LEU D 140 -15.84 9.28 -18.00
C LEU D 140 -15.35 7.93 -18.52
N GLY D 141 -14.85 7.89 -19.75
CA GLY D 141 -14.45 6.65 -20.37
C GLY D 141 -12.97 6.35 -20.31
N THR D 142 -12.16 7.25 -19.77
CA THR D 142 -10.72 7.05 -19.70
C THR D 142 -10.10 7.32 -18.33
N GLY D 143 -10.79 8.04 -17.44
CA GLY D 143 -10.20 8.39 -16.17
C GLY D 143 -9.10 9.43 -16.25
N LEU D 144 -8.88 9.99 -17.44
CA LEU D 144 -7.85 11.01 -17.61
C LEU D 144 -8.01 12.13 -16.58
N LYS D 145 -6.88 12.68 -16.16
CA LYS D 145 -6.88 13.93 -15.41
C LYS D 145 -7.06 15.10 -16.36
N ILE D 146 -7.58 16.20 -15.83
CA ILE D 146 -8.04 17.29 -16.69
C ILE D 146 -6.88 17.83 -17.53
N SER D 147 -5.72 18.04 -16.91
CA SER D 147 -4.58 18.54 -17.67
C SER D 147 -3.99 17.47 -18.58
N GLU D 148 -4.19 16.19 -18.27
CA GLU D 148 -3.84 15.14 -19.23
C GLU D 148 -4.70 15.24 -20.47
N LEU D 149 -6.01 15.54 -20.29
CA LEU D 149 -6.87 15.74 -21.44
C LEU D 149 -6.42 16.96 -22.25
N CYS D 150 -6.19 18.08 -21.57
CA CYS D 150 -5.84 19.32 -22.27
C CYS D 150 -4.53 19.23 -23.02
N GLY D 151 -3.67 18.27 -22.68
CA GLY D 151 -2.42 18.09 -23.39
C GLY D 151 -2.48 17.18 -24.59
N LEU D 152 -3.63 16.59 -24.88
CA LEU D 152 -3.75 15.60 -25.96
C LEU D 152 -3.67 16.29 -27.32
N THR D 153 -2.63 15.97 -28.08
CA THR D 153 -2.43 16.46 -29.44
C THR D 153 -2.69 15.33 -30.43
N ASP D 154 -2.50 15.64 -31.71
CA ASP D 154 -2.69 14.64 -32.75
C ASP D 154 -1.74 13.46 -32.59
N LYS D 155 -0.47 13.74 -32.28
CA LYS D 155 0.53 12.69 -32.14
C LYS D 155 0.39 11.87 -30.86
N ASP D 156 -0.69 12.05 -30.11
CA ASP D 156 -0.94 11.28 -28.90
C ASP D 156 -2.08 10.29 -29.05
N LEU D 157 -2.66 10.18 -30.24
CA LEU D 157 -3.79 9.29 -30.51
C LEU D 157 -3.41 8.27 -31.56
N ASP D 158 -3.83 7.04 -31.35
CA ASP D 158 -3.63 5.93 -32.29
C ASP D 158 -5.01 5.37 -32.61
N PHE D 159 -5.68 5.95 -33.60
CA PHE D 159 -7.01 5.49 -33.97
C PHE D 159 -6.99 4.11 -34.61
N GLU D 160 -5.87 3.70 -35.19
CA GLU D 160 -5.79 2.37 -35.79
C GLU D 160 -5.84 1.30 -34.71
N ASN D 161 -5.05 1.47 -33.64
CA ASN D 161 -5.07 0.56 -32.51
C ASN D 161 -6.04 0.99 -31.42
N ARG D 162 -6.62 2.19 -31.54
CA ARG D 162 -7.56 2.72 -30.55
C ARG D 162 -6.90 2.79 -29.18
N VAL D 163 -5.83 3.58 -29.11
CA VAL D 163 -5.07 3.76 -27.89
C VAL D 163 -4.86 5.25 -27.66
N ILE D 164 -4.77 5.63 -26.38
CA ILE D 164 -4.40 6.97 -25.95
C ILE D 164 -3.03 6.88 -25.32
N ILE D 165 -2.13 7.77 -25.72
CA ILE D 165 -0.75 7.79 -25.23
C ILE D 165 -0.64 8.98 -24.28
N VAL D 166 -0.72 8.72 -22.98
CA VAL D 166 -0.65 9.77 -21.97
C VAL D 166 0.80 9.89 -21.51
N SER D 167 1.47 10.97 -21.95
CA SER D 167 2.89 11.16 -21.64
C SER D 167 3.19 12.55 -21.09
N HIS D 168 2.19 13.39 -20.85
CA HIS D 168 2.44 14.76 -20.45
C HIS D 168 1.11 15.42 -20.11
N GLN D 169 1.20 16.63 -19.57
CA GLN D 169 0.04 17.46 -19.31
C GLN D 169 0.33 18.87 -19.77
N LEU D 170 -0.72 19.57 -20.18
CA LEU D 170 -0.62 20.98 -20.57
C LEU D 170 -1.12 21.85 -19.41
N LEU D 171 -0.30 22.81 -19.01
CA LEU D 171 -0.61 23.68 -17.88
C LEU D 171 -0.61 25.14 -18.31
N ARG D 172 -1.17 25.98 -17.44
CA ARG D 172 -1.17 27.42 -17.66
C ARG D 172 -1.22 28.13 -16.32
N ASN D 173 -0.37 29.12 -16.13
CA ASN D 173 -0.36 29.90 -14.90
C ASN D 173 -0.15 31.38 -15.22
N THR D 174 -0.57 32.23 -14.28
CA THR D 174 -0.45 33.67 -14.47
C THR D 174 1.00 34.06 -14.64
N GLY D 175 1.27 34.86 -15.68
CA GLY D 175 2.61 35.32 -15.97
C GLY D 175 3.40 34.37 -16.84
N VAL D 176 3.57 33.13 -16.38
CA VAL D 176 4.40 32.18 -17.11
C VAL D 176 3.68 31.63 -18.33
N GLY D 177 2.36 31.79 -18.42
CA GLY D 177 1.63 31.29 -19.57
C GLY D 177 1.55 29.77 -19.59
N TYR D 178 1.57 29.22 -20.80
CA TYR D 178 1.47 27.78 -21.00
C TYR D 178 2.81 27.10 -20.85
N TYR D 179 2.79 25.84 -20.42
CA TYR D 179 3.97 25.00 -20.45
C TYR D 179 3.54 23.54 -20.39
N ILE D 180 4.46 22.67 -20.79
CA ILE D 180 4.26 21.21 -20.74
C ILE D 180 5.03 20.67 -19.54
N ASP D 181 4.40 19.79 -18.79
CA ASP D 181 5.02 19.15 -17.63
C ASP D 181 4.89 17.64 -17.76
N GLU D 182 5.75 16.93 -17.03
CA GLU D 182 5.69 15.49 -16.93
C GLU D 182 4.67 15.08 -15.86
N PRO D 183 3.99 13.95 -16.04
CA PRO D 183 3.01 13.51 -15.04
C PRO D 183 3.59 13.31 -13.64
N LYS D 184 4.90 13.20 -13.51
CA LYS D 184 5.54 13.05 -12.19
C LYS D 184 5.27 11.67 -11.62
N THR D 185 5.71 10.62 -12.32
CA THR D 185 5.54 9.25 -11.85
C THR D 185 6.03 8.26 -12.90
N SER D 187 8.75 5.52 -17.89
CA SER D 187 8.51 6.38 -16.74
C SER D 187 7.05 6.30 -16.28
N GLY D 188 6.43 7.46 -16.13
CA GLY D 188 5.03 7.56 -15.79
C GLY D 188 4.08 7.53 -16.97
N VAL D 189 4.59 7.30 -18.18
CA VAL D 189 3.71 7.20 -19.33
C VAL D 189 2.78 6.01 -19.16
N ARG D 190 1.66 6.05 -19.88
CA ARG D 190 0.70 4.96 -19.84
C ARG D 190 -0.22 5.07 -21.05
N LYS D 191 -0.62 3.91 -21.58
CA LYS D 191 -1.51 3.84 -22.72
C LYS D 191 -2.88 3.38 -22.27
N ILE D 192 -3.92 4.03 -22.80
CA ILE D 192 -5.30 3.80 -22.39
C ILE D 192 -6.09 3.38 -23.63
N PRO D 193 -6.80 2.25 -23.60
CA PRO D 193 -7.59 1.84 -24.77
C PRO D 193 -8.87 2.64 -24.89
N MET D 194 -9.32 2.79 -26.14
CA MET D 194 -10.49 3.59 -26.46
C MET D 194 -11.67 2.66 -26.70
N ASN D 195 -12.66 2.69 -25.81
CA ASN D 195 -13.89 1.98 -26.06
C ASN D 195 -14.68 2.70 -27.16
N GLU D 196 -15.70 2.00 -27.68
CA GLU D 196 -16.46 2.53 -28.81
C GLU D 196 -16.95 3.95 -28.53
N GLU D 197 -17.56 4.17 -27.36
CA GLU D 197 -18.10 5.49 -27.04
C GLU D 197 -17.01 6.56 -27.13
N VAL D 198 -15.86 6.32 -26.53
CA VAL D 198 -14.81 7.33 -26.57
C VAL D 198 -14.19 7.42 -27.96
N TYR D 199 -14.09 6.29 -28.67
CA TYR D 199 -13.56 6.32 -30.02
C TYR D 199 -14.31 7.33 -30.89
N GLN D 200 -15.63 7.20 -30.95
CA GLN D 200 -16.43 8.18 -31.68
C GLN D 200 -16.19 9.59 -31.15
N ALA D 201 -16.08 9.73 -29.84
CA ALA D 201 -15.90 11.06 -29.25
C ALA D 201 -14.65 11.73 -29.81
N PHE D 202 -13.50 11.04 -29.75
CA PHE D 202 -12.28 11.61 -30.27
C PHE D 202 -12.41 11.93 -31.76
N GLN D 203 -12.95 10.98 -32.53
CA GLN D 203 -13.13 11.22 -33.96
C GLN D 203 -13.97 12.46 -34.22
N ARG D 204 -15.04 12.66 -33.44
CA ARG D 204 -15.87 13.84 -33.62
C ARG D 204 -15.10 15.12 -33.31
N VAL D 205 -14.21 15.07 -32.30
CA VAL D 205 -13.45 16.27 -31.93
C VAL D 205 -12.47 16.65 -33.03
N ILE D 206 -11.77 15.67 -33.60
CA ILE D 206 -10.86 15.94 -34.70
C ILE D 206 -11.60 16.58 -35.86
N LYS D 207 -12.78 16.07 -36.19
CA LYS D 207 -13.50 16.55 -37.37
C LYS D 207 -14.04 17.96 -37.16
N ASN D 208 -14.36 18.33 -35.92
CA ASN D 208 -15.00 19.61 -35.63
C ASN D 208 -14.02 20.69 -35.20
N ARG D 209 -12.72 20.44 -35.27
CA ARG D 209 -11.74 21.41 -34.81
C ARG D 209 -11.62 22.54 -35.84
N LYS D 210 -11.75 23.78 -35.37
CA LYS D 210 -11.68 24.94 -36.25
C LYS D 210 -11.05 26.11 -35.50
N GLY D 211 -10.25 26.89 -36.21
CA GLY D 211 -9.76 28.15 -35.69
C GLY D 211 -8.55 28.09 -34.79
N ALA D 212 -7.80 26.98 -34.81
CA ALA D 212 -6.63 26.87 -33.95
C ALA D 212 -5.57 27.86 -34.41
N LYS D 213 -5.11 28.71 -33.48
CA LYS D 213 -4.10 29.70 -33.79
C LYS D 213 -2.70 29.09 -33.72
N PRO D 214 -1.72 29.74 -34.35
CA PRO D 214 -0.34 29.23 -34.29
C PRO D 214 0.13 29.07 -32.86
N PHE D 215 0.47 27.84 -32.48
CA PHE D 215 0.74 27.53 -31.08
C PHE D 215 1.55 26.23 -31.02
N ILE D 216 2.82 26.34 -30.66
CA ILE D 216 3.65 25.18 -30.33
C ILE D 216 4.43 25.50 -29.07
N ILE D 217 4.41 24.57 -28.10
CA ILE D 217 5.04 24.77 -26.80
C ILE D 217 5.77 23.49 -26.42
N ASP D 218 7.05 23.64 -26.06
CA ASP D 218 7.90 22.51 -25.67
C ASP D 218 7.79 21.36 -26.66
N GLY D 219 7.61 21.68 -27.93
CA GLY D 219 7.57 20.69 -28.99
C GLY D 219 6.20 20.12 -29.30
N TYR D 220 5.14 20.56 -28.61
CA TYR D 220 3.81 20.03 -28.80
C TYR D 220 2.93 21.02 -29.55
N ALA D 221 2.14 20.51 -30.49
CA ALA D 221 1.21 21.35 -31.24
C ALA D 221 0.01 20.50 -31.65
N ASN D 222 -0.99 21.16 -32.24
CA ASN D 222 -2.20 20.50 -32.73
C ASN D 222 -2.98 19.85 -31.58
N PHE D 223 -3.16 20.61 -30.50
CA PHE D 223 -3.96 20.14 -29.39
C PHE D 223 -5.41 19.97 -29.81
N LEU D 224 -6.11 19.05 -29.14
CA LEU D 224 -7.44 18.66 -29.56
C LEU D 224 -8.52 19.60 -29.01
N PHE D 225 -8.37 20.09 -27.78
CA PHE D 225 -9.44 20.79 -27.08
C PHE D 225 -9.06 22.27 -26.94
N LEU D 226 -9.84 23.13 -27.59
CA LEU D 226 -9.52 24.54 -27.70
C LEU D 226 -10.60 25.40 -27.07
N LYS D 227 -10.19 26.57 -26.58
CA LYS D 227 -11.10 27.60 -26.13
C LYS D 227 -11.71 28.31 -27.34
N GLN D 228 -12.73 29.13 -27.08
CA GLN D 228 -13.31 29.91 -28.17
C GLN D 228 -12.29 30.88 -28.76
N ASN D 229 -11.23 31.21 -28.03
CA ASN D 229 -10.26 32.19 -28.48
C ASN D 229 -9.18 31.58 -29.38
N GLY D 230 -9.30 30.31 -29.75
CA GLY D 230 -8.35 29.67 -30.64
C GLY D 230 -7.15 29.03 -29.98
N TYR D 231 -7.00 29.19 -28.67
CA TYR D 231 -5.91 28.58 -27.93
C TYR D 231 -6.42 27.42 -27.09
N PRO D 232 -5.54 26.51 -26.68
CA PRO D 232 -5.99 25.28 -26.01
C PRO D 232 -6.65 25.59 -24.67
N MET D 233 -7.49 24.66 -24.24
CA MET D 233 -8.17 24.74 -22.95
C MET D 233 -7.21 24.35 -21.82
N THR D 234 -7.56 24.79 -20.61
CA THR D 234 -6.78 24.46 -19.43
C THR D 234 -7.72 24.02 -18.30
N ALA D 235 -7.12 23.52 -17.23
CA ALA D 235 -7.90 23.04 -16.09
C ALA D 235 -8.89 24.09 -15.59
N VAL D 236 -8.44 25.35 -15.49
CA VAL D 236 -9.32 26.41 -15.01
C VAL D 236 -10.52 26.56 -15.94
N ASP D 237 -10.27 26.60 -17.24
CA ASP D 237 -11.36 26.74 -18.20
C ASP D 237 -12.39 25.62 -18.03
N TYR D 238 -11.92 24.38 -17.90
CA TYR D 238 -12.85 23.26 -17.76
C TYR D 238 -13.55 23.29 -16.40
N GLY D 239 -12.81 23.60 -15.33
CA GLY D 239 -13.43 23.69 -14.01
C GLY D 239 -14.50 24.76 -13.95
N GLY D 240 -14.22 25.94 -14.50
CA GLY D 240 -15.21 27.00 -14.51
C GLY D 240 -16.45 26.61 -15.29
N MET D 241 -16.25 26.00 -16.46
CA MET D 241 -17.38 25.53 -17.26
C MET D 241 -18.20 24.49 -16.49
N PHE D 242 -17.51 23.53 -15.87
CA PHE D 242 -18.21 22.52 -15.08
C PHE D 242 -19.11 23.16 -14.03
N GLY D 243 -18.60 24.16 -13.33
CA GLY D 243 -19.41 24.83 -12.32
C GLY D 243 -20.70 25.41 -12.87
N ARG D 244 -20.59 26.13 -14.00
CA ARG D 244 -21.79 26.69 -14.62
C ARG D 244 -22.72 25.60 -15.12
N LEU D 245 -22.16 24.52 -15.65
CA LEU D 245 -22.98 23.43 -16.18
C LEU D 245 -23.78 22.75 -15.07
N VAL D 246 -23.12 22.43 -13.96
CA VAL D 246 -23.79 21.71 -12.88
C VAL D 246 -24.89 22.57 -12.26
N LYS D 247 -24.62 23.86 -12.04
CA LYS D 247 -25.66 24.74 -11.51
C LYS D 247 -26.84 24.84 -12.47
N LYS D 248 -26.56 24.80 -13.78
CA LYS D 248 -27.65 24.80 -14.76
C LYS D 248 -28.43 23.49 -14.70
N TYR D 249 -27.73 22.37 -14.47
CA TYR D 249 -28.40 21.07 -14.40
C TYR D 249 -29.32 20.98 -13.19
N ASN D 250 -28.80 21.33 -12.02
CA ASN D 250 -29.59 21.20 -10.79
C ASN D 250 -30.84 22.07 -10.79
N LYS D 251 -30.88 23.11 -11.63
CA LYS D 251 -32.08 23.95 -11.68
C LYS D 251 -33.25 23.22 -12.32
N SER D 252 -33.00 22.33 -13.27
CA SER D 252 -34.04 21.63 -13.99
C SER D 252 -34.17 20.15 -13.60
N HIS D 253 -33.44 19.72 -12.58
CA HIS D 253 -33.52 18.35 -12.10
C HIS D 253 -33.79 18.34 -10.60
N GLU D 254 -34.75 17.52 -10.17
CA GLU D 254 -35.16 17.52 -8.77
C GLU D 254 -34.02 17.09 -7.86
N GLU D 255 -33.34 16.00 -8.20
CA GLU D 255 -32.23 15.49 -7.40
C GLU D 255 -30.93 16.06 -7.96
N ALA D 256 -30.31 16.96 -7.22
CA ALA D 256 -29.10 17.62 -7.67
C ALA D 256 -27.93 16.63 -7.74
N LEU D 257 -26.91 17.02 -8.50
CA LEU D 257 -25.69 16.25 -8.54
C LEU D 257 -24.88 16.47 -7.26
N PRO D 258 -23.99 15.53 -6.93
CA PRO D 258 -23.16 15.71 -5.74
C PRO D 258 -22.48 17.08 -5.74
N LYS D 259 -22.30 17.63 -4.54
CA LYS D 259 -21.69 18.95 -4.44
C LYS D 259 -20.32 18.99 -5.11
N THR D 260 -19.63 17.86 -5.16
CA THR D 260 -18.32 17.77 -5.78
C THR D 260 -18.44 17.03 -7.12
N THR D 261 -19.01 17.73 -8.09
CA THR D 261 -19.12 17.22 -9.46
C THR D 261 -18.26 18.12 -10.34
N THR D 262 -16.98 17.78 -10.42
CA THR D 262 -15.98 18.55 -11.14
C THR D 262 -15.30 17.63 -12.16
N PRO D 263 -14.36 18.14 -12.94
CA PRO D 263 -13.65 17.26 -13.88
C PRO D 263 -13.03 16.03 -13.22
N HIS D 264 -12.59 16.12 -11.96
CA HIS D 264 -12.01 14.96 -11.33
C HIS D 264 -13.06 13.96 -10.86
N ALA D 265 -14.28 14.42 -10.57
CA ALA D 265 -15.36 13.49 -10.27
C ALA D 265 -15.55 12.48 -11.39
N MET D 266 -15.31 12.89 -12.64
CA MET D 266 -15.40 11.96 -13.75
C MET D 266 -14.33 10.88 -13.63
N ARG D 267 -13.12 11.26 -13.25
CA ARG D 267 -12.08 10.29 -12.95
C ARG D 267 -12.50 9.39 -11.81
N HIS D 268 -13.01 9.99 -10.73
CA HIS D 268 -13.47 9.22 -9.58
C HIS D 268 -14.58 8.24 -9.96
N THR D 269 -15.57 8.73 -10.72
CA THR D 269 -16.62 7.86 -11.22
C THR D 269 -16.05 6.71 -12.03
N PHE D 270 -15.19 7.01 -13.00
CA PHE D 270 -14.57 6.00 -13.84
C PHE D 270 -13.94 4.89 -13.01
N CYS D 271 -13.09 5.27 -12.05
CA CYS D 271 -12.38 4.27 -11.26
C CYS D 271 -13.34 3.48 -10.38
N THR D 272 -14.22 4.18 -9.67
CA THR D 272 -15.16 3.50 -8.78
C THR D 272 -15.98 2.46 -9.53
N ARG D 273 -16.48 2.81 -10.72
CA ARG D 273 -17.27 1.87 -11.49
C ARG D 273 -16.47 0.62 -11.80
N LEU D 274 -15.26 0.78 -12.32
CA LEU D 274 -14.44 -0.38 -12.67
C LEU D 274 -14.12 -1.22 -11.44
N ALA D 275 -13.84 -0.57 -10.31
CA ALA D 275 -13.55 -1.31 -9.09
C ALA D 275 -14.77 -2.08 -8.61
N ASN D 276 -15.93 -1.41 -8.57
CA ASN D 276 -17.15 -2.09 -8.14
C ASN D 276 -17.52 -3.21 -9.09
N ALA D 277 -17.17 -3.10 -10.36
CA ALA D 277 -17.42 -4.16 -11.33
C ALA D 277 -16.43 -5.31 -11.22
N GLY D 278 -15.48 -5.25 -10.29
CA GLY D 278 -14.55 -6.34 -10.09
C GLY D 278 -13.37 -6.37 -11.04
N MET D 279 -12.78 -5.22 -11.34
CA MET D 279 -11.64 -5.18 -12.23
C MET D 279 -10.36 -5.53 -11.49
N ASN D 280 -9.42 -6.12 -12.22
CA ASN D 280 -8.14 -6.48 -11.64
C ASN D 280 -7.52 -5.24 -10.98
N PRO D 281 -7.13 -5.33 -9.71
CA PRO D 281 -6.63 -4.11 -9.03
C PRO D 281 -5.39 -3.51 -9.70
N LYS D 282 -4.43 -4.34 -10.08
CA LYS D 282 -3.22 -3.79 -10.67
C LYS D 282 -3.45 -3.29 -12.08
N ALA D 283 -4.42 -3.87 -12.80
CA ALA D 283 -4.77 -3.37 -14.12
C ALA D 283 -5.42 -2.00 -14.02
N LEU D 284 -6.37 -1.84 -13.10
CA LEU D 284 -6.96 -0.53 -12.87
C LEU D 284 -5.90 0.47 -12.46
N GLN D 285 -4.90 0.02 -11.69
CA GLN D 285 -3.80 0.91 -11.31
C GLN D 285 -3.07 1.43 -12.53
N TYR D 286 -2.65 0.53 -13.43
CA TYR D 286 -1.96 0.96 -14.64
C TYR D 286 -2.78 1.96 -15.43
N ILE D 287 -4.10 1.76 -15.49
CA ILE D 287 -4.97 2.65 -16.25
C ILE D 287 -5.07 4.01 -15.56
N MET D 288 -5.22 4.01 -14.24
CA MET D 288 -5.33 5.27 -13.51
C MET D 288 -4.02 6.03 -13.47
N GLY D 289 -2.89 5.35 -13.68
CA GLY D 289 -1.60 6.00 -13.58
C GLY D 289 -1.17 6.30 -12.17
N HIS D 290 -1.56 5.46 -11.20
CA HIS D 290 -1.16 5.65 -9.82
C HIS D 290 0.22 5.06 -9.59
N SER D 291 1.03 5.76 -8.78
CA SER D 291 2.35 5.24 -8.45
C SER D 291 2.28 4.15 -7.39
N ASN D 292 1.39 4.29 -6.41
CA ASN D 292 1.26 3.34 -5.32
C ASN D 292 -0.11 2.67 -5.41
N ILE D 293 -0.11 1.33 -5.37
CA ILE D 293 -1.32 0.54 -5.51
C ILE D 293 -2.30 0.92 -4.41
N THR D 294 -1.78 1.46 -3.31
CA THR D 294 -2.64 1.88 -2.21
C THR D 294 -3.68 2.90 -2.67
N MET D 295 -3.25 3.93 -3.40
CA MET D 295 -4.18 4.94 -3.85
C MET D 295 -5.29 4.33 -4.69
N THR D 296 -4.96 3.33 -5.51
CA THR D 296 -5.98 2.66 -6.32
C THR D 296 -6.94 1.87 -5.43
N LEU D 297 -6.44 1.22 -4.39
CA LEU D 297 -7.27 0.36 -3.56
C LEU D 297 -8.28 1.13 -2.73
N ASN D 298 -8.08 2.43 -2.54
CA ASN D 298 -9.07 3.20 -1.78
C ASN D 298 -10.43 3.20 -2.45
N TYR D 299 -10.49 2.98 -3.77
CA TYR D 299 -11.75 2.93 -4.50
C TYR D 299 -12.50 1.63 -4.27
N TYR D 300 -11.90 0.66 -3.57
CA TYR D 300 -12.55 -0.61 -3.31
C TYR D 300 -13.21 -0.58 -1.94
N ALA D 301 -14.51 -0.88 -1.92
CA ALA D 301 -15.25 -0.89 -0.66
C ALA D 301 -14.62 -1.87 0.33
N HIS D 302 -14.58 -1.46 1.59
CA HIS D 302 -14.06 -2.35 2.63
C HIS D 302 -14.80 -3.68 2.59
N ALA D 303 -14.11 -4.74 3.02
CA ALA D 303 -14.69 -6.07 3.02
C ALA D 303 -15.17 -6.45 4.42
N THR D 304 -16.22 -7.25 4.46
CA THR D 304 -16.73 -7.82 5.70
C THR D 304 -16.70 -9.34 5.59
N PHE D 305 -16.78 -10.01 6.74
CA PHE D 305 -16.82 -11.46 6.74
C PHE D 305 -17.85 -11.99 5.74
N ASP D 306 -19.10 -11.52 5.86
CA ASP D 306 -20.11 -11.88 4.87
C ASP D 306 -19.63 -11.56 3.46
N SER D 307 -19.02 -10.38 3.28
CA SER D 307 -18.45 -10.04 1.98
C SER D 307 -17.40 -11.06 1.56
N ALA D 308 -16.48 -11.40 2.46
CA ALA D 308 -15.42 -12.33 2.13
C ALA D 308 -15.96 -13.75 1.92
N ARG D 309 -16.92 -14.17 2.77
CA ARG D 309 -17.45 -15.52 2.65
C ARG D 309 -18.13 -15.73 1.31
N ALA D 310 -18.89 -14.73 0.84
CA ALA D 310 -19.55 -14.85 -0.46
C ALA D 310 -18.53 -15.01 -1.58
N GLU D 311 -17.42 -14.27 -1.50
CA GLU D 311 -16.37 -14.40 -2.51
C GLU D 311 -15.80 -15.80 -2.56
N MET D 312 -15.62 -16.42 -1.38
CA MET D 312 -15.04 -17.76 -1.36
C MET D 312 -16.05 -18.81 -1.79
N GLU D 313 -17.32 -18.63 -1.43
CA GLU D 313 -18.35 -19.52 -1.94
C GLU D 313 -18.49 -19.40 -3.46
N ARG D 314 -18.19 -18.22 -4.01
CA ARG D 314 -18.20 -18.04 -5.45
C ARG D 314 -16.99 -18.65 -6.14
N LEU D 315 -15.91 -18.87 -5.39
CA LEU D 315 -14.67 -19.39 -5.96
C LEU D 315 -14.28 -20.73 -5.34
#